data_3BTY
#
_entry.id   3BTY
#
_cell.length_a   77.915
_cell.length_b   77.915
_cell.length_c   226.040
_cell.angle_alpha   90.00
_cell.angle_beta   90.00
_cell.angle_gamma   120.00
#
_symmetry.space_group_name_H-M   'P 65 2 2'
#
loop_
_entity.id
_entity.type
_entity.pdbx_description
1 polymer "DNA (5'-D(*DCP*DTP*DGP*DTP*DAP*DTP*(MA7)P*DAP*DCP*DTP*DGP*DCP*DG)-3')"
2 polymer "DNA (5'-D(*DTP*DCP*DGP*DCP*DAP*DGP*DTP*DTP*DAP*DTP*DAP*DCP*DA)-3')"
3 polymer 'Alpha-ketoglutarate-dependent dioxygenase alkB homolog 2'
4 non-polymer propane-1-thiol
5 water water
#
loop_
_entity_poly.entity_id
_entity_poly.type
_entity_poly.pdbx_seq_one_letter_code
_entity_poly.pdbx_strand_id
1 'polydeoxyribonucleotide' (DC)(DT)(DG)(DT)(DA)(DT)(MA7)(DA)(DC)(DT)(DG)(DC)(DG) B
2 'polydeoxyribonucleotide' (DT)(DC)(DG)(DC)(DA)(DG)(DT)(DT)(DA)(DT)(DA)(DC)(DA) C
3 'polypeptide(L)'
;SWRHIRAEGLDSSYTVLFGKAEADEIFQELEKEVEYFTGALARVQVFGKWHSVPRKQATYGDAGLTYTFSGLTLSPKPWI
PVLERIRDHVSGVTGQTFNFVLINRYKDGSDHICEHRDDERELAPGSPIASVSFGASRDFVFRHKDSRGKSPSRRVAVVR
LPLAHGSLLMMNHPTNTHWYHSLPVRKKVLAPRVNLTFRKILL
;
A
#
# COMPACT_ATOMS: atom_id res chain seq x y z
N SER C 1 15.46 -10.09 10.68
CA SER C 1 15.17 -11.22 9.75
C SER C 1 14.15 -10.82 8.69
N TRP C 2 14.61 -10.72 7.44
CA TRP C 2 13.75 -10.41 6.31
C TRP C 2 13.48 -11.65 5.49
N ARG C 3 12.25 -11.79 5.03
CA ARG C 3 11.94 -12.78 3.99
C ARG C 3 12.07 -12.09 2.64
N HIS C 4 13.00 -12.56 1.83
CA HIS C 4 13.23 -11.97 0.52
C HIS C 4 12.36 -12.62 -0.54
N ILE C 5 11.57 -11.79 -1.21
CA ILE C 5 10.68 -12.23 -2.27
C ILE C 5 11.36 -11.94 -3.60
N ARG C 6 11.83 -12.99 -4.26
CA ARG C 6 12.57 -12.82 -5.51
C ARG C 6 12.11 -13.72 -6.64
N ALA C 7 11.71 -13.08 -7.74
CA ALA C 7 11.44 -13.74 -9.00
C ALA C 7 12.00 -12.87 -10.12
N GLU C 8 11.71 -13.22 -11.37
CA GLU C 8 12.18 -12.45 -12.52
C GLU C 8 11.59 -11.03 -12.51
N GLY C 9 12.41 -10.07 -12.12
CA GLY C 9 12.00 -8.66 -12.03
C GLY C 9 11.28 -8.32 -10.73
N LEU C 10 11.40 -9.21 -9.74
CA LEU C 10 10.74 -9.04 -8.46
C LEU C 10 11.76 -8.90 -7.34
N ASP C 11 11.81 -7.72 -6.73
CA ASP C 11 12.66 -7.46 -5.58
C ASP C 11 11.82 -6.90 -4.45
N SER C 12 11.46 -7.76 -3.50
CA SER C 12 10.64 -7.37 -2.36
C SER C 12 11.12 -8.02 -1.06
N SER C 13 10.76 -7.41 0.07
CA SER C 13 11.20 -7.88 1.39
C SER C 13 10.07 -7.82 2.41
N TYR C 14 9.96 -8.86 3.23
CA TYR C 14 8.90 -8.96 4.21
C TYR C 14 9.42 -9.21 5.62
N THR C 15 9.00 -8.39 6.57
CA THR C 15 9.33 -8.55 7.98
C THR C 15 8.19 -8.11 8.90
N VAL C 16 8.23 -8.55 10.15
CA VAL C 16 7.32 -8.06 11.19
C VAL C 16 8.03 -6.98 12.01
N LEU C 17 7.42 -5.81 12.09
CA LEU C 17 7.99 -4.66 12.80
C LEU C 17 7.58 -4.61 14.26
N PHE C 18 6.30 -4.89 14.50
CA PHE C 18 5.69 -4.75 15.82
C PHE C 18 5.01 -6.04 16.24
N GLY C 19 5.15 -6.39 17.51
CA GLY C 19 4.40 -7.49 18.10
C GLY C 19 2.95 -7.08 18.31
N LYS C 20 2.12 -8.03 18.76
CA LYS C 20 0.67 -7.82 18.83
C LYS C 20 0.25 -6.59 19.63
N ALA C 21 0.82 -6.44 20.82
CA ALA C 21 0.44 -5.37 21.75
C ALA C 21 0.64 -3.96 21.17
N GLU C 22 1.81 -3.72 20.59
CA GLU C 22 2.14 -2.43 19.99
C GLU C 22 1.33 -2.19 18.70
N ALA C 23 1.13 -3.26 17.94
CA ALA C 23 0.40 -3.18 16.67
C ALA C 23 -1.10 -2.92 16.89
N ASP C 24 -1.67 -3.53 17.93
CA ASP C 24 -3.05 -3.28 18.34
C ASP C 24 -3.26 -1.81 18.69
N GLU C 25 -2.36 -1.29 19.53
CA GLU C 25 -2.36 0.11 19.95
C GLU C 25 -2.23 1.08 18.77
N ILE C 26 -1.33 0.78 17.83
CA ILE C 26 -1.16 1.61 16.64
C ILE C 26 -2.41 1.55 15.76
N PHE C 27 -2.94 0.34 15.55
CA PHE C 27 -4.17 0.13 14.79
C PHE C 27 -5.32 0.94 15.38
N GLN C 28 -5.49 0.86 16.69
CA GLN C 28 -6.52 1.61 17.42
C GLN C 28 -6.39 3.12 17.25
N GLU C 29 -5.15 3.61 17.21
CA GLU C 29 -4.91 5.04 17.01
C GLU C 29 -5.23 5.48 15.58
N LEU C 30 -4.86 4.64 14.61
CA LEU C 30 -5.17 4.89 13.19
C LEU C 30 -6.68 4.96 12.93
N GLU C 31 -7.42 4.05 13.55
CA GLU C 31 -8.88 4.05 13.47
C GLU C 31 -9.47 5.34 14.01
N LYS C 32 -8.88 5.84 15.09
CA LYS C 32 -9.36 7.07 15.74
C LYS C 32 -8.97 8.33 14.95
N GLU C 33 -7.77 8.33 14.36
CA GLU C 33 -7.17 9.55 13.83
C GLU C 33 -7.28 9.77 12.31
N VAL C 34 -7.14 8.70 11.52
CA VAL C 34 -7.11 8.83 10.06
C VAL C 34 -8.46 9.27 9.49
N GLU C 35 -8.41 10.30 8.64
CA GLU C 35 -9.59 10.81 7.94
C GLU C 35 -9.52 10.38 6.48
N TYR C 36 -10.53 9.65 6.03
CA TYR C 36 -10.54 9.12 4.67
C TYR C 36 -11.36 9.99 3.72
N PHE C 37 -11.00 9.94 2.44
CA PHE C 37 -11.70 10.69 1.40
C PHE C 37 -13.08 10.11 1.15
N THR C 38 -14.01 10.98 0.76
CA THR C 38 -15.38 10.61 0.44
C THR C 38 -15.78 11.20 -0.92
N GLY C 39 -16.92 10.73 -1.44
CA GLY C 39 -17.56 11.34 -2.61
C GLY C 39 -16.75 11.40 -3.89
N ALA C 40 -16.53 12.63 -4.37
CA ALA C 40 -15.80 12.90 -5.60
C ALA C 40 -14.32 12.52 -5.52
N LEU C 41 -13.77 12.52 -4.31
CA LEU C 41 -12.37 12.15 -4.09
C LEU C 41 -12.21 10.66 -3.76
N ALA C 42 -13.26 9.89 -3.98
CA ALA C 42 -13.25 8.44 -3.79
C ALA C 42 -13.68 7.69 -5.07
N ARG C 43 -13.62 8.37 -6.20
CA ARG C 43 -14.01 7.78 -7.48
C ARG C 43 -12.86 7.78 -8.49
N VAL C 44 -12.70 6.66 -9.17
CA VAL C 44 -11.67 6.48 -10.19
C VAL C 44 -12.28 6.10 -11.53
N GLN C 45 -11.55 6.35 -12.61
CA GLN C 45 -11.99 6.02 -13.96
C GLN C 45 -11.14 4.87 -14.50
N VAL C 46 -11.80 3.75 -14.80
CA VAL C 46 -11.13 2.55 -15.30
C VAL C 46 -11.94 1.95 -16.44
N PHE C 47 -11.29 1.71 -17.57
CA PHE C 47 -11.94 1.20 -18.79
C PHE C 47 -13.15 2.04 -19.22
N GLY C 48 -13.01 3.36 -19.09
CA GLY C 48 -14.06 4.28 -19.55
C GLY C 48 -15.22 4.46 -18.60
N LYS C 49 -15.20 3.75 -17.48
CA LYS C 49 -16.23 3.85 -16.46
C LYS C 49 -15.68 4.44 -15.17
N TRP C 50 -16.45 5.33 -14.55
CA TRP C 50 -16.15 5.84 -13.22
C TRP C 50 -16.75 4.94 -12.14
N HIS C 51 -15.95 4.67 -11.10
CA HIS C 51 -16.34 3.76 -10.03
C HIS C 51 -15.97 4.35 -8.69
N SER C 52 -16.79 4.09 -7.67
CA SER C 52 -16.37 4.32 -6.30
C SER C 52 -15.42 3.18 -5.94
N VAL C 53 -14.33 3.50 -5.23
CA VAL C 53 -13.35 2.50 -4.87
C VAL C 53 -13.91 1.54 -3.80
N PRO C 54 -13.64 0.23 -3.95
CA PRO C 54 -14.18 -0.75 -3.01
C PRO C 54 -13.32 -0.83 -1.73
N ARG C 55 -13.19 0.31 -1.06
CA ARG C 55 -12.35 0.51 0.12
C ARG C 55 -12.41 1.99 0.49
N LYS C 56 -11.66 2.41 1.51
CA LYS C 56 -11.45 3.83 1.80
C LYS C 56 -10.01 4.21 1.57
N GLN C 57 -9.77 5.44 1.10
CA GLN C 57 -8.40 5.91 0.84
C GLN C 57 -8.13 7.25 1.52
N ALA C 58 -6.90 7.42 2.00
CA ALA C 58 -6.46 8.66 2.61
C ALA C 58 -5.03 8.96 2.19
N THR C 59 -4.69 10.25 2.08
CA THR C 59 -3.31 10.67 1.82
C THR C 59 -2.83 11.70 2.82
N TYR C 60 -1.61 11.50 3.30
CA TYR C 60 -0.92 12.44 4.18
C TYR C 60 0.51 12.61 3.66
N GLY C 61 1.10 13.77 3.89
CA GLY C 61 2.45 14.05 3.41
C GLY C 61 2.85 15.51 3.40
N ASP C 62 4.04 15.78 2.88
CA ASP C 62 4.56 17.15 2.76
C ASP C 62 3.65 17.99 1.86
N ALA C 63 3.49 19.27 2.19
CA ALA C 63 2.66 20.19 1.44
C ALA C 63 3.25 20.49 0.06
N GLY C 64 2.37 20.61 -0.94
CA GLY C 64 2.79 20.90 -2.31
C GLY C 64 2.78 19.66 -3.20
N LEU C 65 2.82 18.48 -2.57
CA LEU C 65 2.82 17.21 -3.29
C LEU C 65 1.40 16.77 -3.60
N THR C 66 1.24 16.04 -4.70
CA THR C 66 -0.04 15.40 -5.04
C THR C 66 0.23 13.99 -5.56
N TYR C 67 -0.79 13.14 -5.49
CA TYR C 67 -0.72 11.81 -6.07
C TYR C 67 -1.91 11.55 -6.97
N THR C 68 -1.63 11.16 -8.21
CA THR C 68 -2.67 10.92 -9.20
C THR C 68 -2.61 9.48 -9.69
N PHE C 69 -3.73 8.76 -9.58
CA PHE C 69 -3.89 7.49 -10.27
C PHE C 69 -5.33 7.29 -10.73
N SER C 70 -5.49 6.67 -11.89
CA SER C 70 -6.81 6.33 -12.44
C SER C 70 -7.77 7.53 -12.55
N GLY C 71 -7.24 8.68 -12.93
CA GLY C 71 -8.04 9.90 -13.07
C GLY C 71 -8.41 10.55 -11.75
N LEU C 72 -7.78 10.10 -10.67
CA LEU C 72 -8.06 10.64 -9.34
C LEU C 72 -6.81 11.28 -8.74
N THR C 73 -6.91 12.58 -8.46
CA THR C 73 -5.82 13.33 -7.83
C THR C 73 -6.09 13.50 -6.34
N LEU C 74 -5.19 12.95 -5.53
CA LEU C 74 -5.32 13.00 -4.09
C LEU C 74 -4.27 13.92 -3.47
N SER C 75 -4.73 14.92 -2.72
CA SER C 75 -3.84 15.85 -2.04
C SER C 75 -3.62 15.44 -0.59
N PRO C 76 -2.41 15.63 -0.08
CA PRO C 76 -2.09 15.14 1.25
C PRO C 76 -2.53 16.07 2.37
N LYS C 77 -3.12 15.49 3.41
CA LYS C 77 -3.35 16.19 4.66
C LYS C 77 -2.01 16.28 5.40
N PRO C 78 -1.82 17.31 6.25
CA PRO C 78 -0.59 17.40 7.03
C PRO C 78 -0.36 16.19 7.94
N TRP C 79 0.91 15.83 8.13
CA TRP C 79 1.30 14.71 8.99
C TRP C 79 0.67 14.78 10.38
N ILE C 80 0.27 13.61 10.90
CA ILE C 80 -0.23 13.49 12.27
C ILE C 80 0.67 12.52 13.06
N PRO C 81 0.70 12.66 14.41
CA PRO C 81 1.69 11.94 15.22
C PRO C 81 1.82 10.44 14.97
N VAL C 82 0.70 9.73 14.81
CA VAL C 82 0.70 8.28 14.60
C VAL C 82 1.39 7.88 13.29
N LEU C 83 1.33 8.75 12.28
CA LEU C 83 1.92 8.46 10.97
C LEU C 83 3.40 8.76 10.92
N GLU C 84 3.79 9.84 11.59
CA GLU C 84 5.20 10.21 11.76
C GLU C 84 5.95 9.15 12.57
N ARG C 85 5.28 8.62 13.60
CA ARG C 85 5.79 7.49 14.39
C ARG C 85 6.10 6.27 13.51
N ILE C 86 5.12 5.85 12.71
CA ILE C 86 5.29 4.71 11.79
C ILE C 86 6.36 5.00 10.72
N ARG C 87 6.31 6.20 10.14
CA ARG C 87 7.29 6.64 9.14
C ARG C 87 8.73 6.64 9.66
N ASP C 88 8.93 7.26 10.83
CA ASP C 88 10.26 7.35 11.45
C ASP C 88 10.84 5.99 11.77
N HIS C 89 9.99 5.09 12.27
CA HIS C 89 10.43 3.73 12.61
C HIS C 89 10.85 2.96 11.35
N VAL C 90 10.02 3.07 10.30
CA VAL C 90 10.32 2.43 9.01
C VAL C 90 11.60 2.99 8.39
N SER C 91 11.76 4.32 8.47
CA SER C 91 12.98 4.99 8.00
C SER C 91 14.23 4.55 8.76
N GLY C 92 14.08 4.26 10.05
CA GLY C 92 15.16 3.75 10.88
C GLY C 92 15.60 2.35 10.47
N VAL C 93 14.61 1.48 10.24
CA VAL C 93 14.84 0.09 9.88
C VAL C 93 15.43 -0.08 8.47
N THR C 94 15.02 0.79 7.54
CA THR C 94 15.37 0.64 6.13
C THR C 94 16.49 1.58 5.66
N GLY C 95 16.63 2.71 6.34
CA GLY C 95 17.57 3.75 5.92
C GLY C 95 17.03 4.62 4.78
N GLN C 96 15.74 4.45 4.47
CA GLN C 96 15.06 5.19 3.41
C GLN C 96 14.23 6.32 3.98
N THR C 97 14.07 7.39 3.21
CA THR C 97 13.23 8.53 3.61
C THR C 97 11.95 8.60 2.78
N PHE C 98 10.84 8.95 3.44
CA PHE C 98 9.53 9.05 2.80
C PHE C 98 8.89 10.40 3.10
N ASN C 99 8.21 10.97 2.11
CA ASN C 99 7.54 12.27 2.26
C ASN C 99 6.03 12.24 2.02
N PHE C 100 5.48 11.04 1.91
CA PHE C 100 4.09 10.84 1.52
C PHE C 100 3.61 9.47 1.99
N VAL C 101 2.33 9.37 2.32
CA VAL C 101 1.71 8.08 2.62
C VAL C 101 0.28 7.99 2.07
N LEU C 102 0.02 6.93 1.32
CA LEU C 102 -1.34 6.59 0.92
C LEU C 102 -1.86 5.50 1.85
N ILE C 103 -3.02 5.74 2.44
CA ILE C 103 -3.63 4.80 3.38
C ILE C 103 -4.87 4.15 2.76
N ASN C 104 -4.87 2.81 2.72
CA ASN C 104 -6.02 2.05 2.26
C ASN C 104 -6.64 1.26 3.41
N ARG C 105 -7.94 1.43 3.61
CA ARG C 105 -8.67 0.70 4.63
C ARG C 105 -9.72 -0.22 4.01
N TYR C 106 -9.55 -1.51 4.30
CA TYR C 106 -10.46 -2.56 3.84
C TYR C 106 -11.29 -3.00 5.05
N LYS C 107 -12.57 -2.62 5.05
CA LYS C 107 -13.43 -2.84 6.22
C LYS C 107 -13.68 -4.31 6.55
N ASP C 108 -13.66 -5.15 5.51
CA ASP C 108 -13.71 -6.60 5.63
C ASP C 108 -13.21 -7.23 4.32
N GLY C 109 -13.42 -8.53 4.16
CA GLY C 109 -12.94 -9.29 3.00
C GLY C 109 -13.48 -8.89 1.64
N SER C 110 -14.65 -8.24 1.62
CA SER C 110 -15.25 -7.78 0.36
C SER C 110 -14.60 -6.50 -0.18
N ASP C 111 -14.04 -5.69 0.72
CA ASP C 111 -13.20 -4.57 0.33
C ASP C 111 -11.88 -5.12 -0.21
N HIS C 112 -11.40 -4.53 -1.30
CA HIS C 112 -10.24 -5.07 -2.00
C HIS C 112 -9.60 -3.97 -2.85
N ILE C 113 -8.50 -4.32 -3.50
CA ILE C 113 -7.92 -3.47 -4.54
C ILE C 113 -7.55 -4.32 -5.75
N CYS C 114 -7.98 -3.86 -6.93
CA CYS C 114 -7.68 -4.52 -8.18
C CYS C 114 -6.21 -4.35 -8.54
N GLU C 115 -5.72 -5.22 -9.40
CA GLU C 115 -4.29 -5.25 -9.67
C GLU C 115 -3.81 -4.08 -10.51
N HIS C 116 -2.61 -3.61 -10.13
CA HIS C 116 -2.06 -2.38 -10.65
C HIS C 116 -0.57 -2.37 -10.35
N ARG C 117 0.12 -1.41 -10.94
CA ARG C 117 1.48 -1.10 -10.57
C ARG C 117 1.51 0.29 -9.97
N ASP C 118 2.41 0.52 -9.02
CA ASP C 118 2.73 1.86 -8.57
C ASP C 118 3.74 2.45 -9.56
N ASP C 119 3.25 2.89 -10.71
CA ASP C 119 4.08 3.27 -11.86
C ASP C 119 3.98 4.76 -12.21
N GLU C 120 3.26 5.51 -11.38
CA GLU C 120 2.96 6.92 -11.64
C GLU C 120 4.22 7.79 -11.74
N ARG C 121 4.13 8.83 -12.57
CA ARG C 121 5.28 9.69 -12.90
C ARG C 121 5.83 10.49 -11.72
N GLU C 122 4.95 10.84 -10.78
CA GLU C 122 5.36 11.64 -9.62
C GLU C 122 6.08 10.83 -8.54
N LEU C 123 6.24 9.53 -8.76
CA LEU C 123 7.08 8.70 -7.90
C LEU C 123 8.53 8.85 -8.33
N ALA C 124 9.41 9.12 -7.35
CA ALA C 124 10.84 9.24 -7.57
C ALA C 124 11.41 7.96 -8.19
N PRO C 125 12.28 8.10 -9.22
CA PRO C 125 12.83 6.93 -9.90
C PRO C 125 13.61 6.00 -8.97
N GLY C 126 13.29 4.70 -9.03
CA GLY C 126 14.01 3.69 -8.26
C GLY C 126 13.72 3.65 -6.77
N SER C 127 12.85 4.55 -6.31
CA SER C 127 12.53 4.66 -4.88
C SER C 127 11.65 3.50 -4.40
N PRO C 128 11.94 2.96 -3.21
CA PRO C 128 11.12 1.88 -2.67
C PRO C 128 9.77 2.36 -2.16
N ILE C 129 8.85 1.42 -2.00
CA ILE C 129 7.57 1.68 -1.36
C ILE C 129 7.47 0.78 -0.12
N ALA C 130 7.20 1.41 1.02
CA ALA C 130 7.09 0.71 2.29
C ALA C 130 5.63 0.44 2.63
N SER C 131 5.25 -0.83 2.64
CA SER C 131 3.86 -1.22 2.88
C SER C 131 3.67 -1.81 4.27
N VAL C 132 3.06 -1.02 5.16
CA VAL C 132 2.88 -1.42 6.56
C VAL C 132 1.42 -1.76 6.79
N SER C 133 1.17 -2.90 7.44
CA SER C 133 -0.18 -3.44 7.59
C SER C 133 -0.62 -3.60 9.05
N PHE C 134 -1.85 -3.17 9.32
CA PHE C 134 -2.47 -3.32 10.63
C PHE C 134 -3.88 -3.89 10.49
N GLY C 135 -4.31 -4.64 11.50
CA GLY C 135 -5.64 -5.24 11.51
C GLY C 135 -5.61 -6.66 10.99
N ALA C 136 -6.62 -7.00 10.19
CA ALA C 136 -6.76 -8.36 9.68
C ALA C 136 -5.69 -8.70 8.65
N SER C 137 -5.10 -9.88 8.80
CA SER C 137 -4.22 -10.43 7.80
C SER C 137 -4.99 -10.59 6.50
N ARG C 138 -4.38 -10.13 5.40
CA ARG C 138 -4.97 -10.30 4.07
C ARG C 138 -3.94 -10.82 3.09
N ASP C 139 -4.39 -11.68 2.17
CA ASP C 139 -3.54 -12.18 1.09
C ASP C 139 -3.23 -11.10 0.07
N PHE C 140 -1.93 -10.94 -0.19
CA PHE C 140 -1.38 -10.01 -1.16
C PHE C 140 -0.82 -10.84 -2.31
N VAL C 141 -1.08 -10.41 -3.55
CA VAL C 141 -0.72 -11.20 -4.72
C VAL C 141 0.16 -10.41 -5.70
N PHE C 142 1.35 -10.94 -5.98
CA PHE C 142 2.22 -10.42 -7.03
C PHE C 142 2.01 -11.20 -8.33
N ARG C 143 1.76 -10.49 -9.42
CA ARG C 143 1.50 -11.12 -10.72
C ARG C 143 2.31 -10.44 -11.83
N HIS C 144 3.02 -11.24 -12.61
CA HIS C 144 3.91 -10.73 -13.67
C HIS C 144 3.12 -10.28 -14.90
N LYS C 145 3.48 -9.11 -15.44
CA LYS C 145 2.74 -8.50 -16.56
C LYS C 145 2.70 -9.31 -17.86
N ASP C 146 3.69 -10.19 -18.06
CA ASP C 146 3.75 -11.02 -19.27
C ASP C 146 3.11 -12.41 -19.06
N SER C 147 2.46 -12.59 -17.91
CA SER C 147 1.79 -13.86 -17.58
C SER C 147 0.27 -13.73 -17.56
N ARG C 148 -0.21 -12.49 -17.52
CA ARG C 148 -1.64 -12.19 -17.41
C ARG C 148 -2.39 -12.40 -18.73
N PRO C 152 -0.84 -15.27 -23.05
CA PRO C 152 0.35 -14.69 -22.41
C PRO C 152 1.64 -15.22 -23.03
N SER C 153 2.68 -14.39 -23.02
CA SER C 153 3.98 -14.76 -23.59
C SER C 153 4.84 -15.53 -22.59
N ARG C 154 4.79 -15.13 -21.33
CA ARG C 154 5.56 -15.78 -20.26
C ARG C 154 4.66 -16.57 -19.31
N ARG C 155 5.16 -17.70 -18.84
CA ARG C 155 4.43 -18.54 -17.90
C ARG C 155 4.97 -18.37 -16.46
N VAL C 156 5.25 -17.13 -16.10
CA VAL C 156 5.82 -16.78 -14.79
C VAL C 156 4.80 -16.99 -13.67
N ALA C 157 5.20 -17.75 -12.65
CA ALA C 157 4.32 -18.10 -11.54
C ALA C 157 3.96 -16.91 -10.67
N VAL C 158 2.71 -16.91 -10.20
CA VAL C 158 2.19 -15.89 -9.31
C VAL C 158 2.82 -16.04 -7.91
N VAL C 159 3.01 -14.92 -7.22
CA VAL C 159 3.52 -14.94 -5.85
C VAL C 159 2.43 -14.49 -4.88
N ARG C 160 2.00 -15.41 -4.02
CA ARG C 160 0.96 -15.17 -3.03
C ARG C 160 1.57 -15.09 -1.64
N LEU C 161 1.08 -14.15 -0.84
CA LEU C 161 1.72 -13.83 0.43
C LEU C 161 0.76 -13.13 1.38
N PRO C 162 0.59 -13.68 2.61
CA PRO C 162 -0.24 -13.03 3.62
C PRO C 162 0.50 -11.87 4.29
N LEU C 163 -0.12 -10.70 4.33
CA LEU C 163 0.47 -9.55 5.03
C LEU C 163 -0.18 -9.40 6.40
N ALA C 164 0.62 -9.66 7.43
CA ALA C 164 0.11 -9.73 8.80
C ALA C 164 0.08 -8.41 9.55
N HIS C 165 -0.71 -8.39 10.62
CA HIS C 165 -0.77 -7.31 11.61
C HIS C 165 0.64 -6.89 12.04
N GLY C 166 0.96 -5.60 11.85
CA GLY C 166 2.24 -5.03 12.26
C GLY C 166 3.44 -5.36 11.39
N SER C 167 3.17 -5.79 10.15
CA SER C 167 4.23 -6.21 9.22
C SER C 167 4.66 -5.10 8.26
N LEU C 168 5.84 -5.26 7.67
CA LEU C 168 6.31 -4.37 6.62
C LEU C 168 6.69 -5.14 5.35
N LEU C 169 6.12 -4.71 4.23
CA LEU C 169 6.51 -5.22 2.92
C LEU C 169 7.23 -4.12 2.14
N MET C 170 8.53 -4.32 1.94
CA MET C 170 9.35 -3.41 1.14
C MET C 170 9.27 -3.81 -0.33
N MET C 171 8.77 -2.90 -1.16
CA MET C 171 8.67 -3.13 -2.60
C MET C 171 9.71 -2.29 -3.32
N ASN C 172 10.82 -2.93 -3.68
CA ASN C 172 11.97 -2.27 -4.29
C ASN C 172 11.92 -2.28 -5.81
N HIS C 173 12.78 -1.48 -6.44
CA HIS C 173 12.92 -1.44 -7.89
C HIS C 173 13.58 -2.73 -8.39
N PRO C 174 13.12 -3.28 -9.53
CA PRO C 174 12.05 -2.83 -10.42
C PRO C 174 10.71 -3.57 -10.27
N THR C 175 10.28 -3.84 -9.04
CA THR C 175 9.02 -4.54 -8.79
C THR C 175 7.84 -3.91 -9.54
N ASN C 176 7.63 -2.61 -9.32
CA ASN C 176 6.52 -1.88 -9.94
C ASN C 176 6.68 -1.56 -11.43
N THR C 177 7.76 -2.05 -12.02
CA THR C 177 7.96 -1.98 -13.47
C THR C 177 7.41 -3.24 -14.15
N HIS C 178 7.69 -4.40 -13.57
CA HIS C 178 7.37 -5.68 -14.19
C HIS C 178 6.18 -6.40 -13.56
N TRP C 179 5.92 -6.12 -12.28
CA TRP C 179 4.93 -6.87 -11.51
C TRP C 179 3.73 -6.05 -11.06
N TYR C 180 2.55 -6.60 -11.32
CA TYR C 180 1.30 -6.06 -10.79
C TYR C 180 1.05 -6.63 -9.40
N HIS C 181 0.32 -5.89 -8.56
CA HIS C 181 -0.11 -6.42 -7.27
C HIS C 181 -1.56 -6.10 -6.96
N SER C 182 -2.17 -6.93 -6.11
CA SER C 182 -3.56 -6.76 -5.70
C SER C 182 -3.82 -7.33 -4.32
N LEU C 183 -4.93 -6.90 -3.72
CA LEU C 183 -5.45 -7.51 -2.51
C LEU C 183 -6.83 -8.07 -2.86
N PRO C 184 -6.90 -9.38 -3.19
CA PRO C 184 -8.18 -9.91 -3.67
C PRO C 184 -9.22 -10.05 -2.55
N VAL C 185 -10.48 -10.17 -2.96
CA VAL C 185 -11.60 -10.44 -2.08
C VAL C 185 -11.36 -11.71 -1.29
N ARG C 186 -11.50 -11.63 0.03
CA ARG C 186 -11.45 -12.79 0.90
C ARG C 186 -12.71 -12.84 1.77
N LYS C 187 -13.76 -13.46 1.25
CA LYS C 187 -15.08 -13.50 1.90
C LYS C 187 -15.12 -13.89 3.39
N LYS C 188 -14.17 -14.73 3.83
CA LYS C 188 -14.15 -15.22 5.20
C LYS C 188 -13.58 -14.22 6.21
N VAL C 189 -12.96 -13.15 5.69
CA VAL C 189 -12.41 -12.11 6.55
C VAL C 189 -13.49 -11.10 6.90
N LEU C 190 -13.74 -10.94 8.20
CA LEU C 190 -14.83 -10.09 8.69
C LEU C 190 -14.32 -8.82 9.39
N ALA C 191 -13.03 -8.80 9.71
CA ALA C 191 -12.41 -7.69 10.41
C ALA C 191 -11.73 -6.72 9.43
N PRO C 192 -11.55 -5.44 9.83
CA PRO C 192 -10.90 -4.45 8.98
C PRO C 192 -9.37 -4.51 8.94
N ARG C 193 -8.81 -3.95 7.88
CA ARG C 193 -7.37 -3.89 7.68
C ARG C 193 -7.01 -2.51 7.21
N VAL C 194 -5.92 -1.98 7.77
CA VAL C 194 -5.40 -0.67 7.38
C VAL C 194 -3.98 -0.88 6.84
N ASN C 195 -3.78 -0.46 5.60
CA ASN C 195 -2.47 -0.53 4.98
C ASN C 195 -1.92 0.86 4.70
N LEU C 196 -0.63 1.04 5.00
CA LEU C 196 0.06 2.30 4.76
C LEU C 196 1.21 2.06 3.79
N THR C 197 1.14 2.72 2.63
CA THR C 197 2.24 2.68 1.67
C THR C 197 2.95 4.02 1.68
N PHE C 198 4.12 4.03 2.32
CA PHE C 198 4.97 5.22 2.36
C PHE C 198 5.75 5.33 1.05
N ARG C 199 5.80 6.55 0.52
CA ARG C 199 6.35 6.82 -0.81
C ARG C 199 7.24 8.05 -0.81
N LYS C 200 8.06 8.16 -1.86
CA LYS C 200 8.78 9.40 -2.14
C LYS C 200 8.27 10.02 -3.44
N ILE C 201 7.71 11.22 -3.31
CA ILE C 201 7.04 11.91 -4.41
C ILE C 201 7.88 13.09 -4.92
N LEU C 202 7.95 13.21 -6.26
CA LEU C 202 8.65 14.30 -6.91
C LEU C 202 7.88 15.63 -6.78
N LEU C 203 8.61 16.70 -6.48
CA LEU C 203 8.02 18.02 -6.22
C LEU C 203 7.59 18.74 -7.50
#